data_6MBM
#
_entry.id   6MBM
#
_entity_poly.entity_id   1
_entity_poly.type   'polypeptide(L)'
_entity_poly.pdbx_seq_one_letter_code
;KWAVRIIRKFIKGFIS
;
_entity_poly.pdbx_strand_id   A
#
# COMPACT_ATOMS: atom_id res chain seq x y z
N LYS A 1 12.36 -5.62 4.60
CA LYS A 1 12.51 -4.68 3.48
C LYS A 1 11.29 -4.74 2.56
N TRP A 2 10.98 -3.61 1.93
CA TRP A 2 9.93 -3.53 0.91
C TRP A 2 8.56 -3.92 1.44
N ALA A 3 8.37 -3.90 2.76
CA ALA A 3 7.08 -4.17 3.35
C ALA A 3 6.28 -2.87 3.47
N VAL A 4 6.97 -1.76 3.23
CA VAL A 4 6.33 -0.47 3.21
C VAL A 4 5.32 -0.41 2.07
N ARG A 5 5.60 -1.17 1.01
CA ARG A 5 4.73 -1.25 -0.14
C ARG A 5 3.41 -1.93 0.22
N ILE A 6 3.42 -2.64 1.34
CA ILE A 6 2.22 -3.30 1.85
C ILE A 6 1.25 -2.23 2.38
N ILE A 7 1.80 -1.20 3.00
CA ILE A 7 0.98 -0.08 3.46
C ILE A 7 0.49 0.71 2.24
N ARG A 8 1.34 0.79 1.22
CA ARG A 8 0.97 1.39 -0.04
C ARG A 8 -0.07 0.53 -0.75
N LYS A 9 -0.13 -0.75 -0.37
CA LYS A 9 -1.12 -1.67 -0.91
C LYS A 9 -2.49 -1.27 -0.38
N PHE A 10 -2.51 -0.88 0.88
CA PHE A 10 -3.72 -0.38 1.50
C PHE A 10 -4.14 0.91 0.80
N ILE A 11 -3.16 1.68 0.40
CA ILE A 11 -3.38 2.91 -0.37
C ILE A 11 -3.96 2.57 -1.73
N LYS A 12 -3.50 1.47 -2.29
CA LYS A 12 -4.03 1.00 -3.57
C LYS A 12 -5.48 0.56 -3.41
N GLY A 13 -5.87 0.27 -2.18
CA GLY A 13 -7.26 -0.02 -1.90
C GLY A 13 -8.04 1.22 -1.52
N PHE A 14 -7.32 2.23 -1.02
CA PHE A 14 -7.92 3.48 -0.62
C PHE A 14 -8.19 4.37 -1.83
N ILE A 15 -7.18 4.53 -2.66
CA ILE A 15 -7.30 5.33 -3.87
C ILE A 15 -8.19 4.64 -4.92
N SER A 16 -8.43 3.35 -4.73
CA SER A 16 -9.25 2.59 -5.66
C SER A 16 -10.09 1.57 -4.91
N LYS A 1 14.11 -4.44 1.59
CA LYS A 1 13.00 -4.00 2.47
C LYS A 1 11.92 -3.29 1.65
N TRP A 2 10.75 -3.91 1.57
CA TRP A 2 9.63 -3.34 0.84
C TRP A 2 8.31 -3.66 1.53
N ALA A 3 8.33 -3.74 2.85
CA ALA A 3 7.11 -3.95 3.61
C ALA A 3 6.27 -2.69 3.62
N VAL A 4 6.92 -1.55 3.38
CA VAL A 4 6.25 -0.28 3.24
C VAL A 4 5.29 -0.32 2.05
N ARG A 5 5.62 -1.16 1.08
CA ARG A 5 4.78 -1.35 -0.10
C ARG A 5 3.47 -2.04 0.25
N ILE A 6 3.45 -2.70 1.41
CA ILE A 6 2.23 -3.32 1.91
C ILE A 6 1.28 -2.25 2.42
N ILE A 7 1.84 -1.18 2.97
CA ILE A 7 1.04 -0.03 3.35
C ILE A 7 0.52 0.66 2.08
N ARG A 8 1.38 0.68 1.06
CA ARG A 8 0.99 1.19 -0.26
C ARG A 8 -0.07 0.28 -0.86
N LYS A 9 -0.06 -0.99 -0.46
CA LYS A 9 -1.06 -1.96 -0.87
C LYS A 9 -2.43 -1.51 -0.38
N PHE A 10 -2.46 -1.07 0.87
CA PHE A 10 -3.67 -0.55 1.47
C PHE A 10 -4.09 0.72 0.73
N ILE A 11 -3.10 1.47 0.27
CA ILE A 11 -3.33 2.69 -0.49
C ILE A 11 -3.90 2.37 -1.87
N LYS A 12 -3.52 1.20 -2.39
CA LYS A 12 -4.06 0.75 -3.68
C LYS A 12 -5.58 0.66 -3.61
N GLY A 13 -6.10 0.25 -2.45
CA GLY A 13 -7.54 0.24 -2.25
C GLY A 13 -8.04 1.58 -1.76
N PHE A 14 -7.24 2.21 -0.90
CA PHE A 14 -7.50 3.52 -0.36
C PHE A 14 -7.91 4.53 -1.43
N ILE A 15 -7.12 4.64 -2.48
CA ILE A 15 -7.36 5.64 -3.53
C ILE A 15 -8.62 5.36 -4.34
N SER A 16 -9.13 4.13 -4.30
CA SER A 16 -10.30 3.77 -5.07
C SER A 16 -11.17 2.76 -4.31
N LYS A 1 14.01 -4.12 3.17
CA LYS A 1 12.68 -4.75 2.95
C LYS A 1 11.78 -3.81 2.15
N TRP A 2 10.60 -4.31 1.79
CA TRP A 2 9.68 -3.55 0.99
C TRP A 2 8.26 -3.65 1.55
N ALA A 3 8.16 -3.94 2.84
CA ALA A 3 6.87 -4.07 3.48
C ALA A 3 6.18 -2.72 3.60
N VAL A 4 6.93 -1.66 3.31
CA VAL A 4 6.37 -0.33 3.22
C VAL A 4 5.40 -0.25 2.04
N ARG A 5 5.68 -1.04 1.00
CA ARG A 5 4.81 -1.13 -0.16
C ARG A 5 3.51 -1.82 0.21
N ILE A 6 3.53 -2.54 1.32
CA ILE A 6 2.32 -3.19 1.85
C ILE A 6 1.36 -2.12 2.39
N ILE A 7 1.92 -1.06 2.95
CA ILE A 7 1.12 0.08 3.34
C ILE A 7 0.53 0.74 2.10
N ARG A 8 1.34 0.83 1.06
CA ARG A 8 0.89 1.35 -0.22
C ARG A 8 -0.09 0.39 -0.87
N LYS A 9 -0.04 -0.86 -0.44
CA LYS A 9 -0.99 -1.88 -0.90
C LYS A 9 -2.38 -1.54 -0.36
N PHE A 10 -2.41 -1.05 0.87
CA PHE A 10 -3.64 -0.61 1.50
C PHE A 10 -4.17 0.63 0.78
N ILE A 11 -3.24 1.40 0.26
CA ILE A 11 -3.56 2.61 -0.49
C ILE A 11 -3.95 2.25 -1.91
N LYS A 12 -3.50 1.10 -2.37
CA LYS A 12 -3.98 0.57 -3.64
C LYS A 12 -5.37 -0.01 -3.44
N GLY A 13 -5.73 -0.20 -2.18
CA GLY A 13 -7.08 -0.57 -1.83
C GLY A 13 -7.94 0.65 -1.57
N PHE A 14 -7.28 1.78 -1.27
CA PHE A 14 -7.96 3.07 -1.11
C PHE A 14 -8.87 3.36 -2.29
N ILE A 15 -8.23 3.63 -3.44
CA ILE A 15 -8.90 3.98 -4.70
C ILE A 15 -9.99 5.03 -4.53
N SER A 16 -10.77 5.25 -5.58
CA SER A 16 -11.84 6.23 -5.54
C SER A 16 -12.98 5.78 -6.45
N LYS A 1 12.95 -2.08 2.47
CA LYS A 1 11.66 -1.68 3.08
C LYS A 1 10.50 -2.13 2.17
N TRP A 2 10.41 -3.42 1.94
CA TRP A 2 9.46 -3.96 0.98
C TRP A 2 8.04 -3.98 1.53
N ALA A 3 7.88 -4.27 2.81
CA ALA A 3 6.57 -4.30 3.41
C ALA A 3 5.99 -2.90 3.55
N VAL A 4 6.81 -1.89 3.32
CA VAL A 4 6.35 -0.52 3.32
C VAL A 4 5.50 -0.25 2.08
N ARG A 5 5.80 -1.00 1.02
CA ARG A 5 5.02 -0.93 -0.21
C ARG A 5 3.67 -1.61 0.02
N ILE A 6 3.63 -2.49 1.02
CA ILE A 6 2.40 -3.15 1.44
C ILE A 6 1.45 -2.14 2.07
N ILE A 7 2.01 -1.20 2.84
CA ILE A 7 1.21 -0.10 3.37
C ILE A 7 0.66 0.72 2.22
N ARG A 8 1.48 0.94 1.20
CA ARG A 8 1.06 1.66 0.00
C ARG A 8 0.02 0.84 -0.76
N LYS A 9 0.00 -0.46 -0.51
CA LYS A 9 -0.99 -1.35 -1.13
C LYS A 9 -2.36 -1.10 -0.52
N PHE A 10 -2.36 -0.77 0.76
CA PHE A 10 -3.58 -0.42 1.47
C PHE A 10 -4.07 0.92 0.99
N ILE A 11 -3.13 1.73 0.55
CA ILE A 11 -3.43 3.02 -0.05
C ILE A 11 -3.97 2.81 -1.44
N LYS A 12 -3.48 1.77 -2.09
CA LYS A 12 -4.04 1.34 -3.36
C LYS A 12 -5.38 0.66 -3.11
N GLY A 13 -5.64 0.39 -1.85
CA GLY A 13 -6.95 -0.05 -1.42
C GLY A 13 -7.89 1.11 -1.29
N PHE A 14 -7.40 2.22 -0.74
CA PHE A 14 -8.14 3.45 -0.72
C PHE A 14 -8.43 3.91 -2.14
N ILE A 15 -7.36 4.19 -2.86
CA ILE A 15 -7.46 4.60 -4.26
C ILE A 15 -7.05 3.46 -5.18
N SER A 16 -8.03 2.70 -5.63
CA SER A 16 -7.78 1.59 -6.55
C SER A 16 -7.94 2.06 -7.99
N LYS A 1 12.90 -2.53 3.02
CA LYS A 1 11.76 -1.57 3.06
C LYS A 1 10.65 -2.01 2.09
N TRP A 2 10.55 -3.30 1.85
CA TRP A 2 9.58 -3.81 0.89
C TRP A 2 8.19 -3.88 1.50
N ALA A 3 8.11 -4.01 2.82
CA ALA A 3 6.82 -4.09 3.50
C ALA A 3 6.19 -2.71 3.59
N VAL A 4 6.95 -1.68 3.26
CA VAL A 4 6.42 -0.34 3.21
C VAL A 4 5.45 -0.21 2.05
N ARG A 5 5.72 -0.97 1.00
CA ARG A 5 4.84 -1.02 -0.16
C ARG A 5 3.56 -1.77 0.19
N ILE A 6 3.61 -2.54 1.28
CA ILE A 6 2.43 -3.20 1.81
C ILE A 6 1.48 -2.16 2.40
N ILE A 7 2.04 -1.10 2.98
CA ILE A 7 1.23 0.02 3.43
C ILE A 7 0.64 0.74 2.20
N ARG A 8 1.44 0.79 1.14
CA ARG A 8 0.98 1.34 -0.12
C ARG A 8 -0.08 0.43 -0.74
N LYS A 9 -0.05 -0.84 -0.35
CA LYS A 9 -1.05 -1.80 -0.80
C LYS A 9 -2.43 -1.36 -0.33
N PHE A 10 -2.50 -0.97 0.93
CA PHE A 10 -3.71 -0.42 1.51
C PHE A 10 -4.12 0.85 0.77
N ILE A 11 -3.13 1.60 0.33
CA ILE A 11 -3.37 2.83 -0.42
C ILE A 11 -3.93 2.51 -1.79
N LYS A 12 -3.48 1.40 -2.35
CA LYS A 12 -3.98 0.95 -3.65
C LYS A 12 -5.46 0.66 -3.57
N GLY A 13 -5.93 0.26 -2.40
CA GLY A 13 -7.34 0.03 -2.19
C GLY A 13 -8.07 1.27 -1.71
N PHE A 14 -7.36 2.16 -1.02
CA PHE A 14 -7.93 3.37 -0.50
C PHE A 14 -8.24 4.34 -1.63
N ILE A 15 -7.25 4.57 -2.47
CA ILE A 15 -7.44 5.42 -3.65
C ILE A 15 -8.25 4.70 -4.73
N SER A 16 -8.87 5.47 -5.60
CA SER A 16 -9.64 4.92 -6.70
C SER A 16 -8.92 5.13 -8.01
N LYS A 1 12.34 -3.01 4.54
CA LYS A 1 11.99 -1.83 3.72
C LYS A 1 10.94 -2.17 2.66
N TRP A 2 10.75 -3.45 2.36
CA TRP A 2 9.81 -3.83 1.31
C TRP A 2 8.38 -3.85 1.84
N ALA A 3 8.23 -3.89 3.16
CA ALA A 3 6.91 -3.94 3.77
C ALA A 3 6.18 -2.61 3.60
N VAL A 4 6.92 -1.57 3.23
CA VAL A 4 6.35 -0.28 2.94
C VAL A 4 5.40 -0.39 1.74
N ARG A 5 5.72 -1.32 0.84
CA ARG A 5 4.87 -1.59 -0.31
C ARG A 5 3.49 -2.08 0.12
N ILE A 6 3.43 -2.68 1.31
CA ILE A 6 2.17 -3.20 1.84
C ILE A 6 1.29 -2.06 2.34
N ILE A 7 1.90 -1.02 2.88
CA ILE A 7 1.16 0.19 3.24
C ILE A 7 0.62 0.84 1.97
N ARG A 8 1.45 0.84 0.93
CA ARG A 8 1.05 1.34 -0.37
C ARG A 8 -0.04 0.45 -0.95
N LYS A 9 -0.04 -0.81 -0.53
CA LYS A 9 -1.06 -1.77 -0.95
C LYS A 9 -2.41 -1.34 -0.42
N PHE A 10 -2.41 -0.86 0.81
CA PHE A 10 -3.60 -0.32 1.44
C PHE A 10 -4.08 0.89 0.65
N ILE A 11 -3.11 1.71 0.24
CA ILE A 11 -3.38 2.91 -0.54
C ILE A 11 -3.96 2.56 -1.89
N LYS A 12 -3.46 1.49 -2.48
CA LYS A 12 -3.95 1.04 -3.78
C LYS A 12 -5.42 0.66 -3.67
N GLY A 13 -5.82 0.24 -2.48
CA GLY A 13 -7.21 -0.08 -2.22
C GLY A 13 -8.00 1.12 -1.70
N PHE A 14 -7.32 2.02 -1.00
CA PHE A 14 -7.96 3.13 -0.35
C PHE A 14 -8.35 4.21 -1.34
N ILE A 15 -7.40 4.64 -2.16
CA ILE A 15 -7.66 5.67 -3.16
C ILE A 15 -8.33 5.09 -4.41
N SER A 16 -8.40 3.77 -4.49
CA SER A 16 -8.98 3.11 -5.65
C SER A 16 -9.78 1.89 -5.23
N LYS A 1 10.42 -8.20 2.38
CA LYS A 1 11.07 -7.05 1.70
C LYS A 1 10.02 -6.09 1.15
N TRP A 2 10.32 -4.80 1.21
CA TRP A 2 9.45 -3.76 0.67
C TRP A 2 8.05 -3.81 1.27
N ALA A 3 8.00 -4.06 2.58
CA ALA A 3 6.72 -4.17 3.27
C ALA A 3 6.09 -2.78 3.46
N VAL A 4 6.88 -1.74 3.22
CA VAL A 4 6.35 -0.40 3.23
C VAL A 4 5.40 -0.22 2.06
N ARG A 5 5.70 -0.93 0.97
CA ARG A 5 4.82 -0.95 -0.20
C ARG A 5 3.53 -1.69 0.12
N ILE A 6 3.55 -2.48 1.20
CA ILE A 6 2.37 -3.20 1.67
C ILE A 6 1.39 -2.21 2.31
N ILE A 7 1.94 -1.23 3.03
CA ILE A 7 1.14 -0.14 3.56
C ILE A 7 0.57 0.67 2.39
N ARG A 8 1.41 0.88 1.39
CA ARG A 8 0.97 1.54 0.17
C ARG A 8 -0.03 0.68 -0.59
N LYS A 9 -0.01 -0.61 -0.33
CA LYS A 9 -0.95 -1.55 -0.92
C LYS A 9 -2.35 -1.28 -0.36
N PHE A 10 -2.39 -0.97 0.92
CA PHE A 10 -3.63 -0.61 1.58
C PHE A 10 -4.16 0.70 1.01
N ILE A 11 -3.22 1.54 0.62
CA ILE A 11 -3.52 2.82 -0.01
C ILE A 11 -3.96 2.59 -1.45
N LYS A 12 -3.45 1.53 -2.04
CA LYS A 12 -3.91 1.09 -3.35
C LYS A 12 -5.32 0.50 -3.21
N GLY A 13 -5.74 0.33 -1.96
CA GLY A 13 -7.10 -0.04 -1.66
C GLY A 13 -7.99 1.18 -1.52
N PHE A 14 -7.43 2.27 -0.98
CA PHE A 14 -8.13 3.52 -0.90
C PHE A 14 -8.29 4.12 -2.30
N ILE A 15 -7.15 4.46 -2.91
CA ILE A 15 -7.08 5.08 -4.24
C ILE A 15 -8.18 6.10 -4.47
N SER A 16 -8.25 7.08 -3.59
CA SER A 16 -9.26 8.12 -3.69
C SER A 16 -8.60 9.42 -4.15
N LYS A 1 12.36 -1.57 3.97
CA LYS A 1 11.13 -0.80 3.69
C LYS A 1 10.32 -1.45 2.57
N TRP A 2 10.55 -2.73 2.32
CA TRP A 2 9.81 -3.44 1.29
C TRP A 2 8.36 -3.65 1.73
N ALA A 3 8.15 -3.80 3.03
CA ALA A 3 6.81 -3.97 3.55
C ALA A 3 6.04 -2.65 3.51
N VAL A 4 6.74 -1.57 3.20
CA VAL A 4 6.09 -0.29 3.02
C VAL A 4 5.22 -0.35 1.76
N ARG A 5 5.61 -1.22 0.84
CA ARG A 5 4.81 -1.46 -0.36
C ARG A 5 3.51 -2.15 0.01
N ILE A 6 3.48 -2.75 1.19
CA ILE A 6 2.28 -3.36 1.75
C ILE A 6 1.35 -2.26 2.26
N ILE A 7 1.93 -1.22 2.86
CA ILE A 7 1.18 -0.05 3.26
C ILE A 7 0.65 0.66 2.02
N ARG A 8 1.49 0.71 0.98
CA ARG A 8 1.08 1.26 -0.30
C ARG A 8 -0.02 0.41 -0.91
N LYS A 9 -0.08 -0.86 -0.50
CA LYS A 9 -1.12 -1.77 -0.96
C LYS A 9 -2.47 -1.34 -0.40
N PHE A 10 -2.44 -0.92 0.87
CA PHE A 10 -3.61 -0.40 1.53
C PHE A 10 -4.08 0.86 0.81
N ILE A 11 -3.09 1.64 0.36
CA ILE A 11 -3.34 2.85 -0.40
C ILE A 11 -3.96 2.52 -1.75
N LYS A 12 -3.50 1.43 -2.33
CA LYS A 12 -4.04 0.99 -3.61
C LYS A 12 -5.51 0.59 -3.45
N GLY A 13 -5.88 0.23 -2.23
CA GLY A 13 -7.26 -0.05 -1.92
C GLY A 13 -8.01 1.22 -1.56
N PHE A 14 -7.31 2.16 -0.92
CA PHE A 14 -7.91 3.39 -0.45
C PHE A 14 -8.17 4.35 -1.61
N ILE A 15 -7.11 4.68 -2.35
CA ILE A 15 -7.25 5.54 -3.52
C ILE A 15 -7.87 4.78 -4.68
N SER A 16 -8.55 5.49 -5.56
CA SER A 16 -9.18 4.88 -6.71
C SER A 16 -9.16 5.86 -7.89
N LYS A 1 13.09 -2.72 2.45
CA LYS A 1 11.94 -3.50 2.96
C LYS A 1 10.74 -3.33 2.05
N TRP A 2 10.46 -4.34 1.25
CA TRP A 2 9.37 -4.27 0.29
C TRP A 2 8.01 -4.25 0.97
N ALA A 3 7.96 -4.70 2.21
CA ALA A 3 6.70 -4.71 2.95
C ALA A 3 6.21 -3.29 3.27
N VAL A 4 7.08 -2.30 3.04
CA VAL A 4 6.68 -0.91 3.18
C VAL A 4 5.70 -0.54 2.07
N ARG A 5 5.87 -1.19 0.92
CA ARG A 5 4.99 -0.97 -0.21
C ARG A 5 3.63 -1.58 0.07
N ILE A 6 3.60 -2.47 1.06
CA ILE A 6 2.37 -3.08 1.55
C ILE A 6 1.50 -2.03 2.24
N ILE A 7 2.14 -1.10 2.94
CA ILE A 7 1.43 0.04 3.52
C ILE A 7 0.85 0.90 2.41
N ARG A 8 1.65 1.08 1.36
CA ARG A 8 1.20 1.79 0.17
C ARG A 8 0.13 0.98 -0.55
N LYS A 9 0.12 -0.32 -0.31
CA LYS A 9 -0.89 -1.21 -0.89
C LYS A 9 -2.24 -0.92 -0.26
N PHE A 10 -2.23 -0.59 1.01
CA PHE A 10 -3.43 -0.20 1.73
C PHE A 10 -3.95 1.11 1.17
N ILE A 11 -3.02 1.93 0.76
CA ILE A 11 -3.31 3.23 0.14
C ILE A 11 -3.83 3.02 -1.27
N LYS A 12 -3.26 2.02 -1.93
CA LYS A 12 -3.77 1.60 -3.23
C LYS A 12 -5.09 0.88 -3.05
N GLY A 13 -5.36 0.54 -1.79
CA GLY A 13 -6.64 0.00 -1.42
C GLY A 13 -7.67 1.09 -1.20
N PHE A 14 -7.23 2.22 -0.62
CA PHE A 14 -8.09 3.37 -0.48
C PHE A 14 -8.56 3.86 -1.84
N ILE A 15 -7.60 4.33 -2.63
CA ILE A 15 -7.89 4.83 -3.97
C ILE A 15 -8.53 3.74 -4.84
N SER A 16 -9.76 3.98 -5.24
CA SER A 16 -10.49 3.03 -6.06
C SER A 16 -11.28 3.79 -7.12
N LYS A 1 12.99 -1.68 4.02
CA LYS A 1 11.83 -2.58 4.24
C LYS A 1 10.90 -2.54 3.03
N TRP A 2 10.59 -3.70 2.49
CA TRP A 2 9.71 -3.81 1.34
C TRP A 2 8.25 -3.82 1.78
N ALA A 3 8.03 -3.95 3.08
CA ALA A 3 6.68 -3.97 3.61
C ALA A 3 6.01 -2.59 3.52
N VAL A 4 6.79 -1.58 3.18
CA VAL A 4 6.25 -0.25 2.97
C VAL A 4 5.31 -0.27 1.78
N ARG A 5 5.66 -1.06 0.76
CA ARG A 5 4.80 -1.23 -0.41
C ARG A 5 3.51 -1.94 -0.02
N ILE A 6 3.53 -2.61 1.12
CA ILE A 6 2.35 -3.27 1.66
C ILE A 6 1.39 -2.22 2.22
N ILE A 7 1.96 -1.21 2.88
CA ILE A 7 1.17 -0.05 3.31
C ILE A 7 0.63 0.67 2.07
N ARG A 8 1.48 0.78 1.05
CA ARG A 8 1.07 1.35 -0.22
C ARG A 8 -0.02 0.51 -0.86
N LYS A 9 -0.05 -0.78 -0.53
CA LYS A 9 -1.07 -1.67 -1.03
C LYS A 9 -2.42 -1.27 -0.49
N PHE A 10 -2.43 -0.90 0.78
CA PHE A 10 -3.62 -0.42 1.44
C PHE A 10 -4.06 0.89 0.81
N ILE A 11 -3.08 1.65 0.38
CA ILE A 11 -3.33 2.91 -0.33
C ILE A 11 -3.92 2.61 -1.69
N LYS A 12 -3.47 1.52 -2.29
CA LYS A 12 -4.01 1.09 -3.58
C LYS A 12 -5.43 0.56 -3.43
N GLY A 13 -5.80 0.27 -2.20
CA GLY A 13 -7.17 -0.07 -1.88
C GLY A 13 -7.97 1.16 -1.49
N PHE A 14 -7.29 2.12 -0.86
CA PHE A 14 -7.90 3.34 -0.40
C PHE A 14 -8.22 4.26 -1.58
N ILE A 15 -7.21 4.56 -2.38
CA ILE A 15 -7.42 5.33 -3.61
C ILE A 15 -7.34 4.43 -4.82
N SER A 16 -7.62 4.99 -5.99
CA SER A 16 -7.52 4.27 -7.24
C SER A 16 -6.14 4.48 -7.86
#